data_8BVP
#
_entry.id   8BVP
#
_cell.length_a   108.700
_cell.length_b   61.030
_cell.length_c   113.490
_cell.angle_alpha   90.00
_cell.angle_beta   107.29
_cell.angle_gamma   90.00
#
_symmetry.space_group_name_H-M   'C 1 2 1'
#
loop_
_entity.id
_entity.type
_entity.pdbx_description
1 polymer 'Restriction endonuclease'
2 non-polymer 1,2-ETHANEDIOL
3 non-polymer 'CHLORIDE ION'
4 water water
#
_entity_poly.entity_id   1
_entity_poly.type   'polypeptide(L)'
_entity_poly.pdbx_seq_one_letter_code
;GGAMSIPCKWLKKDKGDYSIPFPTGTTSIPEETIPSAIVLQPVANENTVISGYKLKDTVSSPEKAQEVNNKTVSPRTPKI
IVKHDNSLQSLTIMDIYSQKPIQFDESKVDEIIHSLETKKVNLEKAIEDNNAELSKIKKQKSKLAYLTRLYKENKENIQD
YCTLNEYIEAHLFNPKFLSRHEKALNNFKALKSQFTGPVNLKELEKLTDKLTGIKEYSYDFHSNSLPYDLEHDKSFRNFY
DFDGLKESIESIIKELEVLNSIRQAVSDKYPNSFKALNETEEHDDKLKFINIIFNDGFSTTYDQQTFIKALSALDIEKAI
DAYTNVKNKLENTQDIIANKEGCRNKLISELQTLIANKQEPYLSANEKLGGFYSKRKLSASEGFHLAYQANRRDPIKPEV
IENIITKMKPIDEDTHLDIHIRPPDCGVFITPEDIKKFQEAGIKVNITIHEYKQNYTRRYLQQYTHDLMRQANSVQFFNA
EDRENAIIAATYGDCDKRNTTEPTGVAKKIREVGEDFDLDKYPVQKYDLKGKSGLTVASQKL
;
_entity_poly.pdbx_strand_id   A
#
# COMPACT_ATOMS: atom_id res chain seq x y z
N MET A 4 -4.53 -13.36 34.33
CA MET A 4 -5.54 -12.42 33.83
C MET A 4 -5.99 -12.79 32.41
N SER A 5 -6.86 -11.97 31.83
CA SER A 5 -7.36 -12.19 30.48
C SER A 5 -7.76 -10.86 29.85
N ILE A 6 -7.80 -10.85 28.53
CA ILE A 6 -8.40 -9.75 27.78
C ILE A 6 -9.72 -10.24 27.20
N PRO A 7 -10.86 -9.79 27.72
CA PRO A 7 -12.14 -10.24 27.16
C PRO A 7 -12.42 -9.61 25.81
N CYS A 8 -13.29 -10.28 25.06
CA CYS A 8 -13.78 -9.74 23.79
C CYS A 8 -14.84 -8.66 24.02
N LYS A 9 -15.92 -9.02 24.73
CA LYS A 9 -17.10 -8.18 24.88
C LYS A 9 -17.26 -7.60 26.30
N TRP A 10 -17.00 -8.40 27.34
CA TRP A 10 -17.07 -7.98 28.74
C TRP A 10 -15.86 -7.09 29.04
N LEU A 11 -16.04 -5.77 29.00
CA LEU A 11 -14.89 -4.87 29.05
C LEU A 11 -14.86 -4.09 30.37
N LYS A 12 -14.80 -2.75 30.28
CA LYS A 12 -14.63 -1.91 31.47
C LYS A 12 -15.72 -2.18 32.50
N ILE A 20 -6.75 7.68 26.99
CA ILE A 20 -5.35 7.28 27.01
C ILE A 20 -5.07 6.33 25.85
N PRO A 21 -3.93 6.53 25.17
CA PRO A 21 -3.06 7.70 25.18
C PRO A 21 -3.12 8.46 23.86
N PHE A 22 -2.52 9.64 23.76
CA PHE A 22 -2.58 10.41 22.53
C PHE A 22 -1.19 10.95 22.22
N PRO A 23 -0.94 11.33 20.97
CA PRO A 23 0.27 12.09 20.67
C PRO A 23 0.24 13.43 21.39
N THR A 24 1.42 13.88 21.82
CA THR A 24 1.54 15.10 22.60
C THR A 24 0.94 16.29 21.85
N GLY A 25 -0.01 16.96 22.50
CA GLY A 25 -0.66 18.14 21.96
C GLY A 25 -2.04 17.92 21.36
N THR A 26 -2.56 16.70 21.43
CA THR A 26 -3.73 16.32 20.64
C THR A 26 -4.62 15.39 21.42
N THR A 27 -5.87 15.30 20.97
CA THR A 27 -6.79 14.25 21.35
C THR A 27 -7.23 13.49 20.12
N SER A 28 -7.83 12.33 20.32
CA SER A 28 -8.15 11.44 19.21
C SER A 28 -9.48 11.81 18.55
N ILE A 29 -9.62 11.42 17.30
CA ILE A 29 -10.89 11.41 16.57
C ILE A 29 -11.14 9.98 16.12
N PRO A 30 -12.18 9.31 16.61
CA PRO A 30 -13.13 9.76 17.63
C PRO A 30 -12.53 9.87 19.02
N GLU A 31 -13.33 10.39 19.96
CA GLU A 31 -12.86 10.59 21.32
C GLU A 31 -12.39 9.28 21.94
N GLU A 32 -11.24 9.35 22.63
CA GLU A 32 -10.71 8.26 23.43
C GLU A 32 -10.73 6.93 22.67
N THR A 33 -9.87 6.88 21.65
CA THR A 33 -9.67 5.66 20.88
C THR A 33 -8.20 5.58 20.48
N ILE A 34 -7.81 4.40 20.00
CA ILE A 34 -6.68 4.27 19.09
C ILE A 34 -7.29 4.28 17.69
N PRO A 35 -7.20 5.40 16.97
CA PRO A 35 -7.89 5.50 15.67
C PRO A 35 -7.58 4.36 14.71
N SER A 36 -6.34 3.86 14.69
CA SER A 36 -5.99 2.75 13.81
C SER A 36 -6.63 1.44 14.25
N ALA A 37 -6.95 1.29 15.53
CA ALA A 37 -7.59 0.06 16.00
C ALA A 37 -9.09 0.08 15.78
N ILE A 38 -9.74 1.19 16.11
CA ILE A 38 -11.19 1.22 16.08
C ILE A 38 -11.75 1.25 14.66
N VAL A 39 -10.92 1.56 13.66
CA VAL A 39 -11.43 1.56 12.28
C VAL A 39 -11.57 0.18 11.68
N LEU A 40 -11.04 -0.86 12.33
CA LEU A 40 -10.88 -2.16 11.67
C LEU A 40 -12.20 -2.91 11.48
N GLN A 41 -13.12 -2.85 12.46
CA GLN A 41 -14.43 -3.48 12.23
C GLN A 41 -15.09 -2.91 11.00
N PRO A 42 -15.28 -1.59 10.86
CA PRO A 42 -15.91 -1.06 9.64
C PRO A 42 -15.14 -1.34 8.35
N VAL A 43 -13.81 -1.26 8.40
CA VAL A 43 -13.05 -1.65 7.21
C VAL A 43 -13.30 -3.12 6.90
N ALA A 44 -13.38 -3.97 7.92
CA ALA A 44 -13.66 -5.38 7.69
C ALA A 44 -14.96 -5.59 6.93
N ASN A 45 -15.92 -4.65 7.06
CA ASN A 45 -17.16 -4.66 6.32
C ASN A 45 -17.11 -3.79 5.05
N GLU A 46 -15.92 -3.36 4.61
CA GLU A 46 -15.71 -2.63 3.37
C GLU A 46 -16.17 -1.17 3.40
N ASN A 47 -15.95 -0.48 4.50
CA ASN A 47 -16.27 0.94 4.61
C ASN A 47 -15.01 1.77 4.76
N THR A 48 -14.93 2.87 4.02
CA THR A 48 -13.89 3.87 4.25
C THR A 48 -14.24 4.72 5.47
N VAL A 49 -13.31 4.82 6.41
CA VAL A 49 -13.56 5.47 7.69
C VAL A 49 -12.42 6.43 8.00
N ILE A 50 -12.74 7.70 8.20
CA ILE A 50 -11.74 8.70 8.56
C ILE A 50 -11.56 8.72 10.07
N SER A 51 -10.41 9.22 10.51
CA SER A 51 -10.10 9.33 11.93
C SER A 51 -8.78 10.08 12.01
N GLY A 52 -8.38 10.40 13.24
CA GLY A 52 -7.09 11.04 13.42
C GLY A 52 -6.89 11.66 14.78
N TYR A 53 -6.49 12.93 14.81
CA TYR A 53 -6.18 13.63 16.06
C TYR A 53 -6.54 15.09 15.92
N LYS A 54 -6.74 15.75 17.08
CA LYS A 54 -7.12 17.16 17.13
C LYS A 54 -6.13 17.94 17.98
N LEU A 55 -5.75 19.12 17.50
CA LEU A 55 -4.99 20.07 18.29
C LEU A 55 -5.95 20.75 19.26
N LYS A 56 -5.71 20.59 20.56
CA LYS A 56 -6.57 21.26 21.53
C LYS A 56 -6.25 22.75 21.66
N ASP A 57 -5.02 23.15 21.35
CA ASP A 57 -4.59 24.54 21.48
C ASP A 57 -4.25 25.16 20.13
N THR A 58 -3.44 26.22 20.13
CA THR A 58 -2.99 26.87 18.91
C THR A 58 -1.47 26.97 18.80
N VAL A 59 -0.75 26.91 19.92
CA VAL A 59 0.68 26.64 19.87
C VAL A 59 0.98 25.21 19.51
N SER A 60 -0.02 24.34 19.46
CA SER A 60 0.17 22.90 19.41
C SER A 60 0.83 22.43 18.11
N SER A 61 1.96 21.72 18.22
CA SER A 61 2.72 21.26 17.05
C SER A 61 2.16 19.95 16.52
N PRO A 62 1.73 19.87 15.25
CA PRO A 62 1.07 18.66 14.77
C PRO A 62 2.02 17.54 14.36
N GLU A 63 3.33 17.80 14.35
CA GLU A 63 4.28 16.84 13.82
C GLU A 63 4.27 15.50 14.55
N LYS A 64 3.75 15.47 15.77
CA LYS A 64 3.65 14.19 16.47
C LYS A 64 2.47 13.37 15.94
N ALA A 65 1.31 14.00 15.81
CA ALA A 65 0.16 13.30 15.26
C ALA A 65 0.36 12.99 13.79
N GLN A 66 0.91 13.94 13.03
CA GLN A 66 1.10 13.71 11.61
C GLN A 66 1.93 12.47 11.34
N GLU A 67 2.97 12.25 12.16
CA GLU A 67 3.79 11.06 11.98
C GLU A 67 3.00 9.79 12.27
N VAL A 68 2.10 9.84 13.26
CA VAL A 68 1.24 8.68 13.51
C VAL A 68 0.28 8.50 12.35
N ASN A 69 -0.19 9.60 11.76
CA ASN A 69 -1.06 9.50 10.59
C ASN A 69 -0.32 8.91 9.38
N ASN A 70 0.92 9.34 9.15
CA ASN A 70 1.67 8.79 8.02
C ASN A 70 1.83 7.29 8.16
N LYS A 71 2.17 6.83 9.36
CA LYS A 71 2.44 5.42 9.61
C LYS A 71 1.17 4.56 9.60
N THR A 72 -0.02 5.16 9.74
CA THR A 72 -1.25 4.37 9.88
C THR A 72 -2.31 4.64 8.82
N VAL A 73 -2.06 5.50 7.84
CA VAL A 73 -3.03 5.68 6.76
C VAL A 73 -3.02 4.48 5.83
N SER A 74 -4.18 4.16 5.29
CA SER A 74 -4.33 3.17 4.24
C SER A 74 -5.52 3.61 3.41
N PRO A 75 -5.78 2.96 2.28
CA PRO A 75 -6.87 3.46 1.41
C PRO A 75 -8.21 3.59 2.12
N ARG A 76 -8.59 2.59 2.95
CA ARG A 76 -9.85 2.60 3.65
C ARG A 76 -9.82 3.42 4.94
N THR A 77 -8.65 3.86 5.38
CA THR A 77 -8.50 4.57 6.65
C THR A 77 -7.75 5.88 6.43
N PRO A 78 -8.38 6.84 5.76
CA PRO A 78 -7.77 8.17 5.65
C PRO A 78 -7.60 8.82 7.02
N LYS A 79 -6.62 9.71 7.13
CA LYS A 79 -6.25 10.31 8.40
C LYS A 79 -6.30 11.83 8.31
N ILE A 80 -6.80 12.47 9.36
CA ILE A 80 -6.91 13.92 9.40
C ILE A 80 -6.24 14.45 10.65
N ILE A 81 -5.73 15.68 10.55
CA ILE A 81 -5.40 16.50 11.71
C ILE A 81 -6.37 17.68 11.72
N VAL A 82 -6.99 17.93 12.88
CA VAL A 82 -7.91 19.05 13.09
C VAL A 82 -7.27 20.03 14.07
N LYS A 83 -7.28 21.32 13.73
CA LYS A 83 -6.81 22.35 14.64
C LYS A 83 -7.86 22.64 15.71
N HIS A 84 -7.53 23.53 16.66
CA HIS A 84 -8.36 23.68 17.85
C HIS A 84 -9.77 24.17 17.50
N ASP A 85 -9.91 25.02 16.47
CA ASP A 85 -11.23 25.52 16.06
C ASP A 85 -12.05 24.48 15.31
N ASN A 86 -11.54 23.25 15.19
CA ASN A 86 -12.22 22.18 14.47
C ASN A 86 -12.32 22.48 12.98
N SER A 87 -11.40 23.28 12.45
CA SER A 87 -11.19 23.40 11.00
C SER A 87 -10.11 22.42 10.57
N LEU A 88 -10.19 21.99 9.31
CA LEU A 88 -9.30 20.96 8.80
C LEU A 88 -7.88 21.47 8.66
N GLN A 89 -6.94 20.77 9.27
CA GLN A 89 -5.54 21.18 9.25
C GLN A 89 -4.71 20.40 8.22
N SER A 90 -4.88 19.09 8.13
CA SER A 90 -4.28 18.32 7.05
C SER A 90 -5.06 17.02 6.89
N LEU A 91 -5.07 16.53 5.65
CA LEU A 91 -5.64 15.25 5.30
C LEU A 91 -4.57 14.38 4.64
N THR A 92 -4.44 13.15 5.11
CA THR A 92 -3.50 12.18 4.57
C THR A 92 -4.29 11.02 3.98
N ILE A 93 -3.92 10.58 2.77
CA ILE A 93 -4.57 9.44 2.10
C ILE A 93 -3.51 8.46 1.60
N MET A 94 -3.98 7.33 1.07
CA MET A 94 -3.13 6.36 0.38
C MET A 94 -3.94 5.79 -0.78
N ASP A 95 -3.46 5.95 -2.00
CA ASP A 95 -4.18 5.33 -3.10
C ASP A 95 -3.77 3.87 -3.24
N ILE A 96 -4.54 3.13 -4.04
CA ILE A 96 -4.37 1.68 -4.14
C ILE A 96 -3.37 1.27 -5.21
N TYR A 97 -2.83 2.23 -5.96
CA TYR A 97 -1.85 1.90 -6.98
C TYR A 97 -0.43 2.02 -6.47
N SER A 98 -0.07 3.16 -5.90
CA SER A 98 1.26 3.31 -5.35
C SER A 98 1.31 3.01 -3.86
N GLN A 99 0.16 3.05 -3.17
CA GLN A 99 0.07 2.66 -1.76
C GLN A 99 1.09 3.40 -0.89
N LYS A 100 1.13 4.72 -1.08
CA LYS A 100 2.02 5.63 -0.35
C LYS A 100 1.18 6.66 0.40
N PRO A 101 1.56 6.98 1.63
CA PRO A 101 0.94 8.13 2.31
C PRO A 101 1.02 9.37 1.43
N ILE A 102 -0.10 10.09 1.31
CA ILE A 102 -0.17 11.36 0.57
C ILE A 102 -0.80 12.40 1.50
N GLN A 103 -0.06 13.48 1.79
CA GLN A 103 -0.52 14.48 2.74
C GLN A 103 -0.89 15.79 2.05
N PHE A 104 -2.04 16.34 2.41
CA PHE A 104 -2.47 17.65 1.94
C PHE A 104 -2.68 18.60 3.12
N ASP A 105 -2.03 19.75 3.07
CA ASP A 105 -2.56 20.94 3.70
C ASP A 105 -3.08 21.84 2.59
N GLU A 106 -3.72 22.94 2.98
CA GLU A 106 -4.42 23.74 1.97
C GLU A 106 -3.47 24.29 0.91
N SER A 107 -2.23 24.58 1.29
CA SER A 107 -1.30 25.18 0.33
C SER A 107 -0.81 24.15 -0.68
N LYS A 108 -0.64 22.89 -0.28
CA LYS A 108 -0.27 21.89 -1.28
C LYS A 108 -1.43 21.54 -2.19
N VAL A 109 -2.67 21.72 -1.72
CA VAL A 109 -3.81 21.57 -2.61
C VAL A 109 -3.83 22.70 -3.64
N ASP A 110 -3.49 23.93 -3.22
CA ASP A 110 -3.42 25.03 -4.17
C ASP A 110 -2.36 24.76 -5.22
N GLU A 111 -1.17 24.30 -4.80
CA GLU A 111 -0.14 23.92 -5.75
C GLU A 111 -0.66 22.95 -6.79
N ILE A 112 -1.50 22.01 -6.35
CA ILE A 112 -2.02 21.02 -7.28
C ILE A 112 -3.05 21.66 -8.21
N ILE A 113 -3.90 22.53 -7.67
CA ILE A 113 -4.84 23.24 -8.54
C ILE A 113 -4.07 24.10 -9.54
N HIS A 114 -3.02 24.78 -9.07
CA HIS A 114 -2.28 25.66 -9.95
C HIS A 114 -1.60 24.89 -11.07
N SER A 115 -0.98 23.74 -10.75
CA SER A 115 -0.34 22.96 -11.81
C SER A 115 -1.36 22.44 -12.82
N LEU A 116 -2.52 21.99 -12.34
CA LEU A 116 -3.58 21.60 -13.27
C LEU A 116 -4.04 22.77 -14.14
N GLU A 117 -3.96 24.00 -13.63
CA GLU A 117 -4.38 25.15 -14.43
C GLU A 117 -3.33 25.51 -15.47
N THR A 118 -2.08 25.66 -15.05
CA THR A 118 -1.02 25.94 -16.01
C THR A 118 -0.84 24.79 -16.99
N LYS A 119 -1.21 23.56 -16.60
CA LYS A 119 -1.20 22.47 -17.56
C LYS A 119 -2.15 22.77 -18.72
N LYS A 120 -3.33 23.31 -18.40
CA LYS A 120 -4.37 23.53 -19.40
C LYS A 120 -4.01 24.70 -20.32
N VAL A 121 -3.48 25.80 -19.78
CA VAL A 121 -3.19 26.95 -20.64
C VAL A 121 -1.96 26.67 -21.49
N ASN A 122 -0.90 26.12 -20.89
CA ASN A 122 0.29 25.80 -21.69
C ASN A 122 -0.03 24.81 -22.80
N LEU A 123 -1.03 23.95 -22.60
CA LEU A 123 -1.40 23.01 -23.66
C LEU A 123 -2.24 23.70 -24.73
N GLU A 124 -3.18 24.56 -24.32
CA GLU A 124 -3.95 25.31 -25.30
C GLU A 124 -3.02 26.16 -26.17
N LYS A 125 -1.98 26.72 -25.56
CA LYS A 125 -0.99 27.49 -26.31
C LYS A 125 -0.34 26.65 -27.40
N ALA A 126 0.10 25.43 -27.07
CA ALA A 126 0.76 24.60 -28.08
C ALA A 126 -0.24 24.10 -29.12
N ILE A 127 -1.50 23.94 -28.74
CA ILE A 127 -2.55 23.59 -29.71
C ILE A 127 -2.55 24.59 -30.86
N GLU A 128 -2.74 25.88 -30.54
CA GLU A 128 -2.73 26.92 -31.55
C GLU A 128 -1.43 26.91 -32.35
N ASP A 129 -0.30 27.08 -31.65
CA ASP A 129 1.02 27.04 -32.25
C ASP A 129 1.14 25.99 -33.36
N ASN A 130 0.77 24.74 -33.05
CA ASN A 130 0.94 23.64 -33.98
C ASN A 130 -0.22 23.51 -34.96
N ASN A 131 -1.33 24.20 -34.71
CA ASN A 131 -2.52 24.06 -35.53
C ASN A 131 -2.22 24.22 -37.02
N ALA A 132 -1.39 25.21 -37.36
CA ALA A 132 -1.04 25.44 -38.76
C ALA A 132 -0.36 24.21 -39.33
N GLU A 133 0.82 23.87 -38.81
CA GLU A 133 1.57 22.77 -39.39
C GLU A 133 0.87 21.43 -39.16
N LEU A 134 0.19 21.28 -38.02
CA LEU A 134 -0.40 19.98 -37.68
C LEU A 134 -1.43 19.56 -38.72
N SER A 135 -2.27 20.49 -39.18
CA SER A 135 -3.33 20.12 -40.10
C SER A 135 -2.82 19.82 -41.50
N LYS A 136 -1.57 20.22 -41.81
CA LYS A 136 -0.94 19.77 -43.04
C LYS A 136 -0.71 18.27 -43.07
N ILE A 137 -0.75 17.60 -41.92
CA ILE A 137 -0.49 16.16 -41.82
C ILE A 137 -1.83 15.43 -41.76
N LYS A 138 -2.05 14.55 -42.73
CA LYS A 138 -3.32 13.87 -42.91
C LYS A 138 -3.43 12.61 -42.07
N LYS A 139 -2.39 11.77 -42.06
CA LYS A 139 -2.45 10.51 -41.33
C LYS A 139 -2.37 10.78 -39.83
N GLN A 140 -3.22 10.10 -39.06
CA GLN A 140 -3.12 10.20 -37.61
C GLN A 140 -1.72 9.80 -37.15
N LYS A 141 -1.23 8.65 -37.61
CA LYS A 141 0.10 8.20 -37.22
C LYS A 141 1.18 9.26 -37.51
N SER A 142 1.11 9.90 -38.68
CA SER A 142 2.11 10.92 -38.98
C SER A 142 1.97 12.12 -38.05
N LYS A 143 0.74 12.54 -37.74
CA LYS A 143 0.55 13.52 -36.68
C LYS A 143 1.23 13.11 -35.37
N LEU A 144 1.10 11.82 -35.01
CA LEU A 144 1.66 11.31 -33.75
C LEU A 144 3.18 11.39 -33.75
N ALA A 145 3.82 10.81 -34.78
CA ALA A 145 5.26 10.89 -34.91
C ALA A 145 5.73 12.33 -34.89
N TYR A 146 4.93 13.24 -35.46
CA TYR A 146 5.33 14.63 -35.51
C TYR A 146 5.18 15.29 -34.16
N LEU A 147 3.99 15.19 -33.56
CA LEU A 147 3.79 15.77 -32.25
C LEU A 147 4.74 15.16 -31.22
N THR A 148 5.10 13.89 -31.38
CA THR A 148 6.08 13.29 -30.47
C THR A 148 7.45 13.94 -30.62
N ARG A 149 7.86 14.24 -31.85
CA ARG A 149 9.12 14.95 -32.08
C ARG A 149 9.09 16.32 -31.41
N LEU A 150 8.02 17.07 -31.63
CA LEU A 150 7.87 18.37 -30.98
C LEU A 150 8.02 18.24 -29.48
N TYR A 151 7.24 17.33 -28.88
CA TYR A 151 7.30 17.15 -27.43
C TYR A 151 8.76 16.96 -26.99
N LYS A 152 9.49 16.10 -27.67
CA LYS A 152 10.89 15.88 -27.32
C LYS A 152 11.73 17.15 -27.50
N GLU A 153 11.41 17.96 -28.52
CA GLU A 153 12.13 19.22 -28.73
C GLU A 153 11.85 20.23 -27.61
N ASN A 154 10.69 20.10 -26.96
CA ASN A 154 10.45 20.77 -25.68
C ASN A 154 10.47 22.28 -25.81
N LYS A 155 9.80 22.81 -26.83
CA LYS A 155 9.74 24.25 -27.02
C LYS A 155 8.93 24.90 -25.90
N GLU A 156 9.43 26.04 -25.41
CA GLU A 156 8.79 26.77 -24.32
C GLU A 156 8.59 25.87 -23.10
N ASN A 157 9.42 24.84 -22.97
CA ASN A 157 9.47 24.01 -21.77
C ASN A 157 8.13 23.30 -21.51
N ILE A 158 7.47 22.88 -22.59
CA ILE A 158 6.14 22.31 -22.45
C ILE A 158 6.17 21.08 -21.55
N GLN A 159 7.31 20.37 -21.54
CA GLN A 159 7.45 19.19 -20.69
C GLN A 159 7.20 19.50 -19.21
N ASP A 160 7.43 20.75 -18.80
CA ASP A 160 7.17 21.13 -17.42
C ASP A 160 5.71 21.00 -17.05
N TYR A 161 4.82 21.02 -18.04
CA TYR A 161 3.39 21.17 -17.78
C TYR A 161 2.54 19.99 -18.20
N CYS A 162 3.11 19.01 -18.90
CA CYS A 162 2.30 17.91 -19.38
C CYS A 162 3.22 16.74 -19.72
N THR A 163 2.67 15.54 -19.63
CA THR A 163 3.30 14.32 -20.11
C THR A 163 3.09 14.19 -21.62
N LEU A 164 3.89 13.32 -22.25
CA LEU A 164 3.70 13.10 -23.68
C LEU A 164 2.30 12.60 -23.99
N ASN A 165 1.77 11.70 -23.16
CA ASN A 165 0.40 11.21 -23.37
C ASN A 165 -0.60 12.36 -23.29
N GLU A 166 -0.40 13.27 -22.34
CA GLU A 166 -1.30 14.42 -22.24
C GLU A 166 -1.18 15.31 -23.48
N TYR A 167 0.06 15.59 -23.92
CA TYR A 167 0.31 16.35 -25.13
C TYR A 167 -0.43 15.75 -26.32
N ILE A 168 -0.15 14.48 -26.61
CA ILE A 168 -0.82 13.80 -27.72
C ILE A 168 -2.33 13.90 -27.58
N GLU A 169 -2.86 13.53 -26.41
CA GLU A 169 -4.32 13.47 -26.29
C GLU A 169 -4.94 14.85 -26.51
N ALA A 170 -4.34 15.89 -25.92
CA ALA A 170 -4.99 17.20 -25.99
C ALA A 170 -5.10 17.66 -27.44
N HIS A 171 -4.15 17.24 -28.29
CA HIS A 171 -4.17 17.58 -29.70
C HIS A 171 -5.16 16.74 -30.48
N LEU A 172 -5.10 15.42 -30.31
CA LEU A 172 -5.77 14.50 -31.21
C LEU A 172 -7.07 13.94 -30.68
N PHE A 173 -7.35 14.13 -29.38
CA PHE A 173 -8.61 13.70 -28.79
C PHE A 173 -9.04 14.74 -27.78
N ASN A 174 -9.08 15.99 -28.23
CA ASN A 174 -9.30 17.11 -27.31
C ASN A 174 -10.55 16.97 -26.45
N PRO A 175 -11.70 16.49 -26.95
CA PRO A 175 -12.85 16.29 -26.06
C PRO A 175 -12.48 15.36 -24.91
N LYS A 176 -12.02 14.16 -25.23
CA LYS A 176 -11.63 13.19 -24.21
C LYS A 176 -10.66 13.82 -23.22
N PHE A 177 -9.65 14.53 -23.72
CA PHE A 177 -8.66 15.13 -22.83
C PHE A 177 -9.28 16.17 -21.92
N LEU A 178 -10.23 16.96 -22.42
CA LEU A 178 -10.82 18.02 -21.60
C LEU A 178 -11.67 17.43 -20.48
N SER A 179 -12.37 16.32 -20.75
CA SER A 179 -13.13 15.64 -19.71
C SER A 179 -12.22 15.08 -18.62
N ARG A 180 -11.25 14.26 -19.04
CA ARG A 180 -10.23 13.75 -18.14
C ARG A 180 -9.67 14.85 -17.25
N HIS A 181 -9.31 15.98 -17.88
CA HIS A 181 -8.71 17.07 -17.12
C HIS A 181 -9.69 17.64 -16.13
N GLU A 182 -10.97 17.76 -16.52
CA GLU A 182 -11.96 18.39 -15.64
C GLU A 182 -12.25 17.52 -14.41
N LYS A 183 -12.29 16.20 -14.58
CA LYS A 183 -12.52 15.32 -13.43
C LYS A 183 -11.48 15.57 -12.34
N ALA A 184 -10.21 15.68 -12.74
CA ALA A 184 -9.13 15.91 -11.77
C ALA A 184 -9.29 17.27 -11.09
N LEU A 185 -9.53 18.32 -11.88
CA LEU A 185 -9.59 19.66 -11.31
C LEU A 185 -10.80 19.82 -10.40
N ASN A 186 -11.97 19.32 -10.82
CA ASN A 186 -13.12 19.38 -9.92
C ASN A 186 -12.83 18.70 -8.58
N ASN A 187 -12.18 17.54 -8.61
CA ASN A 187 -11.92 16.82 -7.36
C ASN A 187 -11.09 17.68 -6.42
N PHE A 188 -10.03 18.32 -6.93
CA PHE A 188 -9.15 19.08 -6.06
C PHE A 188 -9.75 20.43 -5.67
N LYS A 189 -10.56 21.03 -6.55
CA LYS A 189 -11.40 22.13 -6.09
C LYS A 189 -12.24 21.69 -4.89
N ALA A 190 -12.90 20.53 -5.00
CA ALA A 190 -13.70 20.01 -3.90
C ALA A 190 -12.86 19.86 -2.64
N LEU A 191 -11.63 19.39 -2.78
CA LEU A 191 -10.83 19.16 -1.58
C LEU A 191 -10.46 20.48 -0.91
N LYS A 192 -10.18 21.53 -1.70
CA LYS A 192 -9.90 22.84 -1.12
C LYS A 192 -11.02 23.26 -0.17
N SER A 193 -12.28 23.10 -0.59
CA SER A 193 -13.41 23.52 0.23
C SER A 193 -13.31 22.96 1.65
N GLN A 194 -12.92 21.70 1.78
CA GLN A 194 -12.90 21.02 3.06
C GLN A 194 -11.97 21.67 4.08
N PHE A 195 -11.15 22.64 3.66
CA PHE A 195 -10.27 23.32 4.59
C PHE A 195 -10.84 24.62 5.13
N THR A 196 -12.06 24.98 4.75
CA THR A 196 -12.72 26.18 5.24
C THR A 196 -13.94 25.78 6.07
N GLY A 197 -14.03 26.34 7.27
CA GLY A 197 -15.12 26.03 8.16
C GLY A 197 -14.78 24.83 9.02
N PRO A 198 -15.80 24.16 9.54
CA PRO A 198 -15.57 22.99 10.39
C PRO A 198 -15.35 21.75 9.55
N VAL A 199 -14.48 20.87 10.08
CA VAL A 199 -14.14 19.64 9.38
C VAL A 199 -15.40 18.77 9.27
N ASN A 200 -15.75 18.39 8.04
CA ASN A 200 -16.91 17.54 7.77
C ASN A 200 -16.43 16.11 7.52
N LEU A 201 -16.68 15.21 8.47
CA LEU A 201 -16.09 13.86 8.42
C LEU A 201 -16.65 13.04 7.26
N LYS A 202 -17.98 12.85 7.22
CA LYS A 202 -18.53 11.96 6.21
C LYS A 202 -18.26 12.47 4.80
N GLU A 203 -18.08 13.78 4.62
CA GLU A 203 -17.77 14.29 3.28
C GLU A 203 -16.32 14.00 2.93
N LEU A 204 -15.38 14.22 3.87
CA LEU A 204 -14.00 13.86 3.61
C LEU A 204 -13.88 12.40 3.19
N GLU A 205 -14.76 11.52 3.70
CA GLU A 205 -14.66 10.10 3.39
C GLU A 205 -15.09 9.79 1.96
N LYS A 206 -16.24 10.32 1.53
CA LYS A 206 -16.73 10.00 0.20
C LYS A 206 -15.83 10.57 -0.89
N LEU A 207 -15.09 11.65 -0.58
CA LEU A 207 -14.16 12.23 -1.55
C LEU A 207 -12.84 11.45 -1.59
N THR A 208 -12.33 11.05 -0.42
CA THR A 208 -11.16 10.18 -0.35
C THR A 208 -11.30 8.98 -1.27
N ASP A 209 -12.47 8.33 -1.24
CA ASP A 209 -12.75 7.24 -2.17
C ASP A 209 -12.60 7.67 -3.62
N LYS A 210 -12.89 8.94 -3.92
CA LYS A 210 -12.71 9.46 -5.27
C LYS A 210 -11.26 9.80 -5.61
N LEU A 211 -10.39 9.89 -4.60
CA LEU A 211 -8.98 10.17 -4.84
C LEU A 211 -8.10 8.93 -4.81
N THR A 212 -8.43 7.93 -3.98
CA THR A 212 -7.60 6.76 -3.77
C THR A 212 -7.73 5.74 -4.90
N GLY A 213 -8.77 5.81 -5.71
CA GLY A 213 -9.04 4.78 -6.67
C GLY A 213 -10.06 3.75 -6.21
N ILE A 214 -10.53 3.81 -4.97
CA ILE A 214 -11.56 2.88 -4.54
C ILE A 214 -12.83 3.10 -5.36
N LYS A 215 -13.31 4.35 -5.39
CA LYS A 215 -14.44 4.68 -6.27
C LYS A 215 -13.99 5.31 -7.60
N GLU A 216 -12.93 6.12 -7.60
CA GLU A 216 -12.42 6.59 -8.88
C GLU A 216 -10.98 7.08 -8.73
N TYR A 217 -10.29 7.18 -9.88
CA TYR A 217 -8.90 7.64 -9.92
C TYR A 217 -8.77 8.58 -11.13
N SER A 218 -8.74 9.89 -10.87
CA SER A 218 -8.63 10.88 -11.93
CA SER A 218 -8.61 10.86 -11.95
C SER A 218 -7.29 11.62 -11.95
N TYR A 219 -6.46 11.44 -10.93
CA TYR A 219 -5.16 12.12 -10.88
C TYR A 219 -4.13 11.14 -10.34
N ASP A 220 -3.07 10.91 -11.11
CA ASP A 220 -1.97 10.05 -10.65
C ASP A 220 -1.05 10.85 -9.76
N PHE A 221 -1.19 10.67 -8.44
CA PHE A 221 -0.32 11.37 -7.49
C PHE A 221 1.15 11.06 -7.74
N HIS A 222 1.46 9.83 -8.13
CA HIS A 222 2.85 9.41 -8.24
C HIS A 222 3.61 10.26 -9.25
N SER A 223 3.03 10.45 -10.43
CA SER A 223 3.64 11.28 -11.47
C SER A 223 3.02 12.67 -11.57
N ASN A 224 2.07 12.99 -10.69
CA ASN A 224 1.31 14.25 -10.74
C ASN A 224 0.82 14.57 -12.15
N SER A 225 0.18 13.59 -12.79
CA SER A 225 -0.38 13.87 -14.10
C SER A 225 -1.70 13.10 -14.28
N LEU A 226 -2.28 13.21 -15.47
CA LEU A 226 -3.58 12.61 -15.75
C LEU A 226 -3.41 11.12 -16.04
N PRO A 227 -4.25 10.26 -15.48
CA PRO A 227 -4.07 8.82 -15.70
C PRO A 227 -4.61 8.38 -17.05
N TYR A 228 -3.82 7.55 -17.72
CA TYR A 228 -4.21 6.90 -18.95
C TYR A 228 -4.35 5.40 -18.72
N ASP A 229 -5.49 4.83 -19.14
CA ASP A 229 -5.82 3.44 -18.86
C ASP A 229 -5.58 2.59 -20.12
N LEU A 230 -4.51 1.79 -20.08
CA LEU A 230 -4.14 0.97 -21.23
C LEU A 230 -5.23 0.00 -21.66
N GLU A 231 -6.14 -0.37 -20.75
CA GLU A 231 -7.21 -1.29 -21.13
C GLU A 231 -8.46 -0.54 -21.60
N HIS A 232 -8.93 0.42 -20.81
CA HIS A 232 -10.24 1.03 -21.05
C HIS A 232 -10.19 2.36 -21.82
N ASP A 233 -9.01 2.94 -22.05
CA ASP A 233 -8.88 4.08 -22.98
C ASP A 233 -8.58 3.49 -24.35
N LYS A 234 -9.62 3.00 -25.00
CA LYS A 234 -9.42 2.08 -26.11
C LYS A 234 -8.91 2.79 -27.36
N SER A 235 -9.49 3.95 -27.68
CA SER A 235 -9.01 4.69 -28.83
C SER A 235 -7.61 5.21 -28.60
N PHE A 236 -7.30 5.63 -27.36
CA PHE A 236 -5.98 6.16 -27.10
C PHE A 236 -4.91 5.08 -27.11
N ARG A 237 -5.30 3.81 -27.11
CA ARG A 237 -4.32 2.74 -26.97
C ARG A 237 -3.25 2.80 -28.06
N ASN A 238 -3.65 3.11 -29.30
CA ASN A 238 -2.66 3.17 -30.37
C ASN A 238 -1.75 4.38 -30.29
N PHE A 239 -2.10 5.37 -29.47
CA PHE A 239 -1.35 6.62 -29.37
C PHE A 239 -0.50 6.70 -28.10
N TYR A 240 -0.58 5.69 -27.25
CA TYR A 240 0.11 5.66 -25.97
C TYR A 240 1.63 5.61 -26.14
N ASP A 241 2.35 6.32 -25.28
CA ASP A 241 3.82 6.39 -25.35
C ASP A 241 4.44 5.07 -24.85
N PHE A 242 4.38 4.06 -25.72
CA PHE A 242 5.01 2.78 -25.39
C PHE A 242 6.53 2.87 -25.38
N ASP A 243 7.10 3.71 -26.23
CA ASP A 243 8.56 3.79 -26.31
C ASP A 243 9.16 4.44 -25.08
N GLY A 244 8.54 5.50 -24.57
CA GLY A 244 9.00 6.12 -23.35
C GLY A 244 8.99 5.12 -22.21
N LEU A 245 7.81 4.55 -21.93
CA LEU A 245 7.71 3.49 -20.94
C LEU A 245 8.80 2.44 -21.12
N LYS A 246 8.96 1.92 -22.34
CA LYS A 246 10.00 0.91 -22.55
C LYS A 246 11.38 1.48 -22.26
N GLU A 247 11.57 2.78 -22.46
CA GLU A 247 12.87 3.38 -22.18
C GLU A 247 13.12 3.46 -20.68
N SER A 248 12.12 3.92 -19.93
CA SER A 248 12.28 4.04 -18.49
C SER A 248 12.59 2.69 -17.86
N ILE A 249 11.97 1.63 -18.38
CA ILE A 249 12.24 0.30 -17.87
C ILE A 249 13.67 -0.10 -18.13
N GLU A 250 14.23 0.31 -19.26
CA GLU A 250 15.61 0.01 -19.60
C GLU A 250 16.57 0.87 -18.80
N SER A 251 16.18 2.11 -18.49
CA SER A 251 17.00 2.93 -17.61
C SER A 251 16.94 2.43 -16.16
N ILE A 252 15.79 1.94 -15.73
CA ILE A 252 15.70 1.29 -14.41
C ILE A 252 16.65 0.10 -14.37
N ILE A 253 16.56 -0.77 -15.39
CA ILE A 253 17.40 -1.96 -15.42
C ILE A 253 18.88 -1.60 -15.39
N LYS A 254 19.26 -0.43 -15.92
CA LYS A 254 20.66 -0.02 -15.85
C LYS A 254 21.05 0.34 -14.43
N GLU A 255 20.21 1.12 -13.74
CA GLU A 255 20.45 1.41 -12.34
C GLU A 255 20.60 0.12 -11.55
N LEU A 256 19.70 -0.83 -11.77
CA LEU A 256 19.74 -2.08 -11.03
C LEU A 256 21.06 -2.83 -11.24
N GLU A 257 21.71 -2.65 -12.40
CA GLU A 257 23.00 -3.31 -12.64
C GLU A 257 24.12 -2.62 -11.88
N VAL A 258 24.09 -1.30 -11.81
CA VAL A 258 25.07 -0.59 -10.98
C VAL A 258 24.99 -1.07 -9.53
N LEU A 259 23.78 -1.04 -8.94
CA LEU A 259 23.64 -1.44 -7.55
C LEU A 259 24.10 -2.89 -7.35
N ASN A 260 23.69 -3.79 -8.25
CA ASN A 260 24.09 -5.18 -8.09
C ASN A 260 25.60 -5.34 -8.17
N SER A 261 26.28 -4.53 -8.99
CA SER A 261 27.74 -4.64 -9.05
C SER A 261 28.40 -4.01 -7.84
N ILE A 262 27.76 -3.04 -7.20
CA ILE A 262 28.22 -2.60 -5.89
C ILE A 262 28.12 -3.74 -4.88
N ARG A 263 27.03 -4.50 -4.92
CA ARG A 263 26.87 -5.61 -3.96
C ARG A 263 27.94 -6.66 -4.19
N GLN A 264 28.35 -6.88 -5.43
CA GLN A 264 29.44 -7.81 -5.72
C GLN A 264 30.74 -7.30 -5.10
N ALA A 265 31.09 -6.03 -5.36
CA ALA A 265 32.26 -5.43 -4.74
C ALA A 265 32.27 -5.63 -3.23
N VAL A 266 31.14 -5.35 -2.58
CA VAL A 266 31.08 -5.51 -1.12
C VAL A 266 31.19 -6.98 -0.75
N SER A 267 30.48 -7.84 -1.47
CA SER A 267 30.56 -9.28 -1.22
C SER A 267 31.99 -9.80 -1.38
N ASP A 268 32.75 -9.20 -2.29
CA ASP A 268 34.13 -9.64 -2.51
C ASP A 268 35.04 -9.17 -1.38
N LYS A 269 35.03 -7.86 -1.08
CA LYS A 269 35.94 -7.33 -0.08
C LYS A 269 35.56 -7.77 1.35
N TYR A 270 34.28 -8.05 1.60
CA TYR A 270 33.80 -8.45 2.93
C TYR A 270 32.89 -9.67 2.82
N PRO A 271 33.46 -10.86 2.61
CA PRO A 271 32.61 -12.04 2.39
C PRO A 271 31.63 -12.31 3.52
N ASN A 272 32.02 -12.05 4.77
CA ASN A 272 31.15 -12.40 5.89
C ASN A 272 30.02 -11.40 6.08
N SER A 273 30.16 -10.18 5.55
CA SER A 273 29.26 -9.09 5.91
C SER A 273 27.89 -9.22 5.27
N PHE A 274 27.77 -9.85 4.10
CA PHE A 274 26.45 -10.07 3.52
C PHE A 274 25.63 -10.98 4.43
N LYS A 275 26.24 -12.09 4.84
CA LYS A 275 25.65 -12.89 5.90
C LYS A 275 25.28 -12.01 7.10
N ALA A 276 26.27 -11.29 7.64
CA ALA A 276 26.05 -10.49 8.83
C ALA A 276 24.96 -9.45 8.61
N LEU A 277 25.06 -8.68 7.53
CA LEU A 277 24.05 -7.65 7.29
C LEU A 277 22.66 -8.27 7.15
N ASN A 278 22.58 -9.42 6.51
CA ASN A 278 21.25 -9.98 6.25
C ASN A 278 20.71 -10.82 7.41
N GLU A 279 21.48 -11.04 8.46
CA GLU A 279 20.93 -11.59 9.69
C GLU A 279 20.66 -10.53 10.75
N THR A 280 20.75 -9.25 10.38
CA THR A 280 20.46 -8.17 11.31
C THR A 280 18.99 -7.78 11.17
N GLU A 281 18.26 -7.84 12.28
CA GLU A 281 16.81 -7.65 12.27
C GLU A 281 16.43 -6.23 11.84
N GLU A 282 16.71 -5.26 12.70
CA GLU A 282 16.17 -3.92 12.52
C GLU A 282 16.81 -3.20 11.34
N HIS A 283 16.03 -2.34 10.71
CA HIS A 283 16.54 -1.49 9.64
C HIS A 283 17.61 -0.54 10.15
N ASP A 284 17.33 0.16 11.27
CA ASP A 284 18.28 1.15 11.78
C ASP A 284 19.63 0.52 12.10
N ASP A 285 19.66 -0.75 12.54
CA ASP A 285 20.92 -1.44 12.76
C ASP A 285 21.59 -1.88 11.46
N LYS A 286 20.79 -2.31 10.48
CA LYS A 286 21.33 -2.59 9.16
C LYS A 286 22.08 -1.39 8.60
N LEU A 287 21.47 -0.21 8.71
CA LEU A 287 22.07 1.01 8.19
C LEU A 287 23.40 1.32 8.87
N LYS A 288 23.44 1.23 10.21
CA LYS A 288 24.69 1.50 10.91
C LYS A 288 25.81 0.63 10.36
N PHE A 289 25.50 -0.64 10.09
CA PHE A 289 26.53 -1.56 9.61
C PHE A 289 26.92 -1.24 8.17
N ILE A 290 25.93 -0.90 7.34
CA ILE A 290 26.23 -0.47 5.97
C ILE A 290 27.23 0.68 6.00
N ASN A 291 26.99 1.67 6.86
CA ASN A 291 27.90 2.81 6.88
C ASN A 291 29.29 2.42 7.37
N ILE A 292 29.40 1.42 8.25
CA ILE A 292 30.72 0.98 8.72
C ILE A 292 31.50 0.30 7.60
N ILE A 293 30.81 -0.51 6.79
CA ILE A 293 31.45 -1.15 5.66
C ILE A 293 31.87 -0.10 4.63
N PHE A 294 31.02 0.89 4.40
CA PHE A 294 31.35 1.94 3.44
C PHE A 294 32.63 2.65 3.85
N ASN A 295 32.70 3.08 5.11
CA ASN A 295 33.84 3.87 5.55
C ASN A 295 35.10 3.04 5.67
N ASP A 296 34.96 1.73 5.94
CA ASP A 296 36.15 0.90 6.05
C ASP A 296 36.85 0.76 4.70
N GLY A 297 36.09 0.55 3.63
CA GLY A 297 36.74 0.22 2.36
C GLY A 297 36.05 0.65 1.08
N PHE A 298 35.22 1.68 1.13
CA PHE A 298 34.60 2.16 -0.10
C PHE A 298 34.34 3.66 -0.05
N SER A 299 34.92 4.38 0.92
CA SER A 299 34.61 5.79 1.09
C SER A 299 35.03 6.60 -0.14
N THR A 300 36.18 6.27 -0.72
CA THR A 300 36.66 6.97 -1.91
C THR A 300 36.26 6.26 -3.20
N THR A 301 35.57 5.13 -3.12
CA THR A 301 35.21 4.35 -4.29
C THR A 301 33.83 4.67 -4.85
N TYR A 302 32.82 4.81 -4.00
CA TYR A 302 31.44 4.93 -4.45
C TYR A 302 30.77 6.13 -3.83
N ASP A 303 29.66 6.52 -4.44
CA ASP A 303 28.79 7.54 -3.84
C ASP A 303 28.05 6.91 -2.67
N GLN A 304 28.10 7.58 -1.51
CA GLN A 304 27.60 6.96 -0.30
C GLN A 304 26.12 6.66 -0.42
N GLN A 305 25.33 7.59 -0.94
CA GLN A 305 23.89 7.35 -0.98
C GLN A 305 23.57 6.21 -1.95
N THR A 306 24.31 6.11 -3.05
CA THR A 306 24.12 4.98 -3.94
C THR A 306 24.53 3.68 -3.26
N PHE A 307 25.68 3.69 -2.57
CA PHE A 307 26.13 2.51 -1.82
C PHE A 307 25.03 2.01 -0.90
N ILE A 308 24.39 2.92 -0.17
CA ILE A 308 23.39 2.52 0.81
C ILE A 308 22.20 1.86 0.12
N LYS A 309 21.73 2.47 -0.98
CA LYS A 309 20.63 1.87 -1.75
C LYS A 309 20.96 0.44 -2.16
N ALA A 310 22.21 0.21 -2.59
CA ALA A 310 22.58 -1.12 -3.06
C ALA A 310 22.58 -2.14 -1.92
N LEU A 311 23.09 -1.75 -0.76
CA LEU A 311 23.16 -2.71 0.33
C LEU A 311 21.81 -2.88 1.02
N SER A 312 20.90 -1.92 0.88
CA SER A 312 19.57 -2.02 1.46
C SER A 312 18.62 -2.88 0.62
N ALA A 313 18.92 -3.08 -0.66
CA ALA A 313 17.96 -3.71 -1.56
C ALA A 313 17.81 -5.19 -1.26
N LEU A 314 16.59 -5.70 -1.46
CA LEU A 314 16.26 -7.09 -1.14
C LEU A 314 16.21 -7.87 -2.46
N ASP A 315 17.27 -8.64 -2.72
CA ASP A 315 17.37 -9.44 -3.94
C ASP A 315 17.19 -8.60 -5.19
N ILE A 316 18.27 -7.91 -5.60
CA ILE A 316 18.22 -7.17 -6.85
C ILE A 316 18.09 -8.09 -8.05
N GLU A 317 18.57 -9.34 -7.92
CA GLU A 317 18.40 -10.32 -8.98
C GLU A 317 16.92 -10.48 -9.34
N LYS A 318 16.09 -10.73 -8.33
CA LYS A 318 14.65 -10.83 -8.53
C LYS A 318 14.08 -9.56 -9.15
N ALA A 319 14.55 -8.40 -8.67
CA ALA A 319 14.06 -7.12 -9.19
C ALA A 319 14.43 -6.96 -10.66
N ILE A 320 15.71 -7.14 -10.99
CA ILE A 320 16.17 -7.08 -12.38
C ILE A 320 15.32 -7.99 -13.25
N ASP A 321 14.95 -9.15 -12.71
CA ASP A 321 14.14 -10.13 -13.45
C ASP A 321 12.74 -9.62 -13.71
N ALA A 322 12.06 -9.10 -12.69
CA ALA A 322 10.68 -8.65 -12.86
C ALA A 322 10.59 -7.46 -13.81
N TYR A 323 11.57 -6.55 -13.78
CA TYR A 323 11.56 -5.41 -14.70
C TYR A 323 11.90 -5.83 -16.12
N THR A 324 12.87 -6.75 -16.25
CA THR A 324 13.17 -7.31 -17.57
C THR A 324 11.94 -7.98 -18.16
N ASN A 325 11.17 -8.68 -17.32
CA ASN A 325 9.98 -9.36 -17.82
C ASN A 325 8.99 -8.40 -18.46
N VAL A 326 8.89 -7.18 -17.94
CA VAL A 326 7.99 -6.20 -18.55
C VAL A 326 8.61 -5.61 -19.81
N LYS A 327 9.93 -5.36 -19.77
CA LYS A 327 10.58 -4.83 -20.95
C LYS A 327 10.48 -5.81 -22.11
N ASN A 328 10.50 -7.11 -21.83
CA ASN A 328 10.33 -8.11 -22.89
C ASN A 328 8.95 -8.01 -23.53
N LYS A 329 7.91 -7.83 -22.72
CA LYS A 329 6.59 -7.58 -23.29
C LYS A 329 6.56 -6.35 -24.17
N LEU A 330 7.51 -5.43 -24.01
CA LEU A 330 7.56 -4.23 -24.84
C LEU A 330 8.41 -4.42 -26.10
N GLU A 331 8.92 -5.64 -26.35
CA GLU A 331 9.63 -5.90 -27.60
C GLU A 331 8.68 -5.97 -28.79
N ASN A 332 7.37 -5.82 -28.58
CA ASN A 332 6.41 -5.90 -29.68
C ASN A 332 5.20 -5.06 -29.31
N THR A 333 5.19 -3.81 -29.78
CA THR A 333 4.10 -2.89 -29.46
C THR A 333 2.75 -3.40 -29.94
N GLN A 334 2.70 -3.99 -31.13
CA GLN A 334 1.39 -4.35 -31.70
C GLN A 334 0.76 -5.50 -30.93
N ASP A 335 1.56 -6.41 -30.39
CA ASP A 335 1.00 -7.46 -29.53
C ASP A 335 0.23 -6.87 -28.36
N ILE A 336 0.79 -5.83 -27.73
CA ILE A 336 0.11 -5.21 -26.59
C ILE A 336 -1.17 -4.52 -27.02
N ILE A 337 -1.09 -3.74 -28.12
CA ILE A 337 -2.29 -3.12 -28.67
C ILE A 337 -3.34 -4.19 -28.97
N ALA A 338 -2.89 -5.35 -29.48
CA ALA A 338 -3.79 -6.45 -29.75
C ALA A 338 -4.15 -7.28 -28.52
N ASN A 339 -3.38 -7.18 -27.42
CA ASN A 339 -3.55 -8.07 -26.28
C ASN A 339 -3.34 -9.52 -26.73
N LYS A 340 -2.22 -9.75 -27.42
CA LYS A 340 -1.86 -11.07 -27.93
C LYS A 340 -1.72 -12.07 -26.80
N GLU A 341 -2.74 -12.90 -26.60
CA GLU A 341 -2.81 -13.90 -25.55
C GLU A 341 -2.36 -13.35 -24.20
N GLY A 342 -3.10 -12.34 -23.73
CA GLY A 342 -2.86 -11.74 -22.44
C GLY A 342 -1.67 -10.83 -22.35
N CYS A 343 -0.89 -10.67 -23.43
CA CYS A 343 0.23 -9.75 -23.47
C CYS A 343 -0.05 -8.47 -22.69
N ARG A 344 -1.20 -7.86 -22.91
CA ARG A 344 -1.53 -6.61 -22.24
C ARG A 344 -2.02 -6.83 -20.82
N ASN A 345 -2.84 -7.86 -20.60
CA ASN A 345 -3.24 -8.20 -19.24
C ASN A 345 -2.01 -8.41 -18.37
N LYS A 346 -1.03 -9.14 -18.89
CA LYS A 346 0.17 -9.46 -18.13
C LYS A 346 1.03 -8.21 -17.93
N LEU A 347 1.15 -7.39 -18.97
CA LEU A 347 1.91 -6.15 -18.84
C LEU A 347 1.32 -5.28 -17.73
N ILE A 348 0.00 -5.11 -17.73
CA ILE A 348 -0.64 -4.27 -16.75
C ILE A 348 -0.49 -4.88 -15.35
N SER A 349 -0.80 -6.17 -15.21
CA SER A 349 -0.67 -6.84 -13.92
C SER A 349 0.74 -6.70 -13.34
N GLU A 350 1.77 -6.97 -14.14
CA GLU A 350 3.12 -6.92 -13.61
C GLU A 350 3.55 -5.49 -13.30
N LEU A 351 3.13 -4.51 -14.10
CA LEU A 351 3.49 -3.13 -13.78
C LEU A 351 2.83 -2.69 -12.48
N GLN A 352 1.57 -3.08 -12.28
CA GLN A 352 0.86 -2.70 -11.06
C GLN A 352 1.55 -3.29 -9.83
N THR A 353 2.06 -4.53 -9.95
CA THR A 353 2.79 -5.15 -8.85
C THR A 353 4.07 -4.39 -8.55
N LEU A 354 4.77 -3.94 -9.57
CA LEU A 354 6.03 -3.23 -9.38
C LEU A 354 5.80 -1.86 -8.74
N ILE A 355 4.81 -1.10 -9.22
CA ILE A 355 4.52 0.21 -8.66
C ILE A 355 4.15 0.09 -7.19
N ALA A 356 3.46 -0.99 -6.81
CA ALA A 356 3.00 -1.17 -5.43
C ALA A 356 4.07 -1.71 -4.48
N ASN A 357 5.28 -1.97 -4.98
CA ASN A 357 6.39 -2.39 -4.14
C ASN A 357 7.09 -1.15 -3.60
N LYS A 358 6.99 -0.91 -2.30
CA LYS A 358 7.59 0.26 -1.68
C LYS A 358 9.02 0.03 -1.20
N GLN A 359 9.52 -1.20 -1.28
CA GLN A 359 10.87 -1.51 -0.84
C GLN A 359 11.88 -1.30 -1.97
N GLU A 360 13.01 -0.69 -1.63
CA GLU A 360 14.10 -0.59 -2.58
C GLU A 360 14.50 -2.00 -3.02
N PRO A 361 14.99 -2.14 -4.25
CA PRO A 361 15.27 -1.09 -5.21
C PRO A 361 14.00 -0.55 -5.87
N TYR A 362 12.87 -1.25 -5.76
CA TYR A 362 11.68 -0.83 -6.49
C TYR A 362 11.30 0.61 -6.17
N LEU A 363 11.35 0.98 -4.89
CA LEU A 363 10.93 2.30 -4.46
C LEU A 363 11.61 3.41 -5.26
N SER A 364 12.94 3.33 -5.40
CA SER A 364 13.66 4.38 -6.10
C SER A 364 13.58 4.21 -7.60
N ALA A 365 13.58 2.96 -8.08
CA ALA A 365 13.42 2.73 -9.50
C ALA A 365 12.10 3.32 -10.02
N ASN A 366 11.02 3.15 -9.26
CA ASN A 366 9.71 3.55 -9.78
C ASN A 366 9.57 5.06 -9.93
N GLU A 367 10.53 5.84 -9.45
CA GLU A 367 10.56 7.26 -9.77
C GLU A 367 10.52 7.51 -11.27
N LYS A 368 11.07 6.59 -12.06
CA LYS A 368 11.15 6.78 -13.50
C LYS A 368 9.84 6.49 -14.21
N LEU A 369 8.85 5.93 -13.52
CA LEU A 369 7.63 5.39 -14.12
C LEU A 369 6.42 6.18 -13.65
N GLY A 370 5.41 6.27 -14.51
CA GLY A 370 4.10 6.68 -14.03
C GLY A 370 3.53 5.67 -13.05
N GLY A 371 2.58 6.13 -12.23
CA GLY A 371 1.99 5.27 -11.22
C GLY A 371 0.77 4.49 -11.62
N PHE A 372 0.19 4.73 -12.80
CA PHE A 372 -1.10 4.14 -13.08
C PHE A 372 -1.14 3.55 -14.47
N TYR A 373 -1.75 2.37 -14.60
CA TYR A 373 -1.74 1.71 -15.90
C TYR A 373 -3.11 1.17 -16.27
N SER A 374 -3.89 0.73 -15.27
CA SER A 374 -5.28 0.39 -15.50
C SER A 374 -5.97 0.36 -14.15
N LYS A 375 -7.28 0.60 -14.17
CA LYS A 375 -8.05 0.62 -12.94
C LYS A 375 -8.23 -0.80 -12.41
N ARG A 376 -8.47 -0.88 -11.11
CA ARG A 376 -8.66 -2.18 -10.48
C ARG A 376 -9.51 -1.99 -9.24
N LYS A 377 -10.27 -3.03 -8.91
CA LYS A 377 -11.10 -3.02 -7.72
C LYS A 377 -10.26 -3.43 -6.52
N LEU A 378 -10.39 -2.70 -5.42
CA LEU A 378 -9.76 -3.11 -4.17
C LEU A 378 -10.64 -4.15 -3.48
N SER A 379 -10.15 -5.38 -3.36
CA SER A 379 -10.91 -6.42 -2.67
C SER A 379 -11.07 -6.08 -1.20
N ALA A 380 -12.13 -6.65 -0.59
CA ALA A 380 -12.27 -6.58 0.87
C ALA A 380 -11.00 -7.08 1.56
N SER A 381 -10.43 -8.16 1.02
CA SER A 381 -9.25 -8.76 1.64
C SER A 381 -8.09 -7.77 1.65
N GLU A 382 -7.77 -7.19 0.49
CA GLU A 382 -6.64 -6.27 0.41
C GLU A 382 -6.90 -4.99 1.21
N GLY A 383 -8.10 -4.42 1.08
CA GLY A 383 -8.45 -3.27 1.91
C GLY A 383 -8.31 -3.56 3.39
N PHE A 384 -8.76 -4.74 3.82
CA PHE A 384 -8.59 -5.07 5.23
C PHE A 384 -7.13 -5.18 5.59
N HIS A 385 -6.37 -5.91 4.77
CA HIS A 385 -4.98 -6.17 5.15
C HIS A 385 -4.17 -4.87 5.21
N LEU A 386 -4.44 -3.92 4.33
CA LEU A 386 -3.70 -2.66 4.39
C LEU A 386 -4.04 -1.87 5.66
N ALA A 387 -5.30 -1.85 6.08
CA ALA A 387 -5.63 -1.23 7.37
C ALA A 387 -5.08 -2.02 8.55
N TYR A 388 -5.11 -3.35 8.46
CA TYR A 388 -4.52 -4.18 9.51
C TYR A 388 -3.03 -3.87 9.65
N GLN A 389 -2.30 -3.86 8.53
CA GLN A 389 -0.88 -3.56 8.59
C GLN A 389 -0.63 -2.17 9.16
N ALA A 390 -1.47 -1.21 8.82
CA ALA A 390 -1.33 0.12 9.39
C ALA A 390 -1.46 0.08 10.92
N ASN A 391 -2.38 -0.73 11.45
CA ASN A 391 -2.52 -0.83 12.89
C ASN A 391 -1.29 -1.50 13.51
N ARG A 392 -0.73 -2.50 12.83
CA ARG A 392 0.52 -3.12 13.29
C ARG A 392 1.66 -2.11 13.32
N ARG A 393 1.61 -1.08 12.48
CA ARG A 393 2.63 -0.04 12.44
C ARG A 393 2.40 1.08 13.44
N ASP A 394 1.24 1.11 14.10
CA ASP A 394 0.84 2.29 14.84
C ASP A 394 1.89 2.64 15.89
N PRO A 395 2.42 3.86 15.89
CA PRO A 395 3.51 4.19 16.83
C PRO A 395 3.03 4.39 18.26
N ILE A 396 1.74 4.61 18.49
CA ILE A 396 1.28 4.70 19.88
C ILE A 396 0.87 3.34 20.46
N LYS A 397 0.69 2.32 19.62
CA LYS A 397 0.36 1.00 20.16
C LYS A 397 1.33 0.53 21.24
N PRO A 398 2.65 0.80 21.15
CA PRO A 398 3.54 0.35 22.23
C PRO A 398 3.18 0.91 23.60
N GLU A 399 2.84 2.19 23.69
CA GLU A 399 2.47 2.75 24.99
C GLU A 399 1.24 2.04 25.55
N VAL A 400 0.24 1.81 24.70
CA VAL A 400 -0.97 1.11 25.13
C VAL A 400 -0.61 -0.23 25.75
N ILE A 401 0.22 -1.02 25.06
CA ILE A 401 0.56 -2.33 25.61
C ILE A 401 1.36 -2.18 26.90
N GLU A 402 2.17 -1.14 27.01
CA GLU A 402 2.95 -0.93 28.22
C GLU A 402 2.05 -0.70 29.43
N ASN A 403 1.03 0.14 29.27
CA ASN A 403 0.08 0.40 30.35
C ASN A 403 -0.50 -0.91 30.88
N ILE A 404 -0.98 -1.78 29.97
CA ILE A 404 -1.53 -3.05 30.40
C ILE A 404 -0.50 -3.85 31.18
N ILE A 405 0.74 -3.89 30.69
CA ILE A 405 1.77 -4.69 31.35
C ILE A 405 2.06 -4.13 32.73
N THR A 406 2.09 -2.80 32.87
CA THR A 406 2.30 -2.16 34.16
C THR A 406 1.23 -2.61 35.16
N LYS A 407 -0.04 -2.59 34.75
CA LYS A 407 -1.15 -2.91 35.63
C LYS A 407 -1.20 -4.40 35.93
N MET A 408 -0.23 -5.14 35.40
CA MET A 408 -0.10 -6.56 35.70
C MET A 408 1.06 -6.87 36.63
N LYS A 409 1.98 -5.94 36.83
CA LYS A 409 3.15 -6.25 37.63
C LYS A 409 2.76 -6.37 39.11
N PRO A 410 3.43 -7.25 39.86
CA PRO A 410 4.58 -8.10 39.47
C PRO A 410 4.24 -9.23 38.51
N ILE A 411 5.17 -9.63 37.66
CA ILE A 411 4.97 -10.75 36.75
C ILE A 411 5.77 -11.92 37.30
N ASP A 412 5.08 -12.86 37.95
CA ASP A 412 5.70 -14.12 38.31
C ASP A 412 6.24 -14.80 37.07
N GLU A 413 7.06 -15.83 37.28
CA GLU A 413 7.44 -16.70 36.17
C GLU A 413 6.30 -17.59 35.71
N ASP A 414 5.08 -17.33 36.19
CA ASP A 414 3.90 -18.02 35.69
C ASP A 414 2.73 -17.05 35.72
N THR A 415 2.94 -15.87 35.15
CA THR A 415 1.86 -14.98 34.79
C THR A 415 1.35 -15.41 33.41
N HIS A 416 0.04 -15.55 33.29
CA HIS A 416 -0.60 -15.98 32.07
C HIS A 416 -1.57 -14.93 31.61
N LEU A 417 -1.79 -14.88 30.30
CA LEU A 417 -2.75 -13.95 29.73
C LEU A 417 -3.59 -14.70 28.71
N ASP A 418 -4.91 -14.68 28.92
CA ASP A 418 -5.89 -15.32 28.06
C ASP A 418 -6.58 -14.22 27.27
N ILE A 419 -6.49 -14.29 25.95
CA ILE A 419 -7.02 -13.27 25.06
C ILE A 419 -8.10 -13.92 24.21
N HIS A 420 -9.31 -13.38 24.29
CA HIS A 420 -10.45 -13.93 23.58
C HIS A 420 -10.58 -13.25 22.22
N ILE A 421 -10.76 -14.05 21.18
CA ILE A 421 -10.69 -13.59 19.79
C ILE A 421 -11.99 -13.98 19.09
N ARG A 422 -12.64 -12.97 18.48
CA ARG A 422 -13.81 -13.18 17.61
C ARG A 422 -13.85 -12.02 16.61
N PRO A 423 -12.97 -12.05 15.60
CA PRO A 423 -12.80 -10.86 14.77
C PRO A 423 -14.03 -10.62 13.91
N PRO A 424 -14.35 -9.35 13.63
CA PRO A 424 -13.65 -8.14 14.07
C PRO A 424 -14.39 -7.43 15.18
N ASP A 425 -15.19 -8.13 16.00
CA ASP A 425 -16.17 -7.46 16.85
C ASP A 425 -15.80 -7.46 18.34
N CYS A 426 -14.51 -7.50 18.67
CA CYS A 426 -14.08 -7.39 20.05
C CYS A 426 -13.68 -5.96 20.40
N GLY A 427 -13.64 -5.69 21.71
CA GLY A 427 -13.39 -4.32 22.16
C GLY A 427 -11.99 -3.83 21.83
N VAL A 428 -11.00 -4.70 22.00
CA VAL A 428 -9.61 -4.39 21.66
C VAL A 428 -9.23 -5.21 20.43
N PHE A 429 -8.39 -4.62 19.54
CA PHE A 429 -7.86 -5.34 18.38
C PHE A 429 -6.41 -5.75 18.61
N ILE A 430 -6.18 -7.05 18.84
CA ILE A 430 -4.85 -7.56 19.19
C ILE A 430 -4.08 -7.90 17.92
N THR A 431 -2.77 -7.58 17.92
CA THR A 431 -1.86 -7.88 16.80
C THR A 431 -0.80 -8.86 17.26
N PRO A 432 -0.03 -9.43 16.33
CA PRO A 432 1.09 -10.30 16.75
C PRO A 432 2.17 -9.55 17.51
N GLU A 433 2.43 -8.30 17.14
CA GLU A 433 3.34 -7.45 17.90
C GLU A 433 2.89 -7.32 19.35
N ASP A 434 1.60 -7.06 19.58
CA ASP A 434 1.05 -7.05 20.93
C ASP A 434 1.46 -8.30 21.69
N ILE A 435 1.12 -9.47 21.13
CA ILE A 435 1.42 -10.73 21.77
C ILE A 435 2.90 -10.81 22.10
N LYS A 436 3.75 -10.49 21.12
CA LYS A 436 5.19 -10.57 21.34
C LYS A 436 5.62 -9.67 22.49
N LYS A 437 5.02 -8.48 22.58
CA LYS A 437 5.42 -7.59 23.68
C LYS A 437 5.12 -8.22 25.03
N PHE A 438 3.93 -8.80 25.17
CA PHE A 438 3.60 -9.54 26.38
C PHE A 438 4.64 -10.62 26.63
N GLN A 439 4.98 -11.39 25.60
CA GLN A 439 5.92 -12.48 25.83
C GLN A 439 7.28 -11.95 26.27
N GLU A 440 7.69 -10.80 25.73
CA GLU A 440 8.95 -10.16 26.15
C GLU A 440 8.89 -9.69 27.59
N ALA A 441 7.69 -9.43 28.13
CA ALA A 441 7.53 -8.97 29.49
C ALA A 441 7.43 -10.13 30.48
N GLY A 442 7.68 -11.36 30.03
CA GLY A 442 7.59 -12.53 30.88
C GLY A 442 6.23 -13.22 30.88
N ILE A 443 5.29 -12.78 30.05
CA ILE A 443 3.92 -13.28 30.07
C ILE A 443 3.71 -14.29 28.97
N LYS A 444 3.21 -15.48 29.32
CA LYS A 444 2.71 -16.43 28.33
C LYS A 444 1.31 -16.02 27.85
N VAL A 445 1.04 -16.13 26.55
CA VAL A 445 -0.21 -15.68 25.97
C VAL A 445 -0.95 -16.86 25.34
N ASN A 446 -2.18 -17.09 25.79
CA ASN A 446 -3.10 -18.05 25.21
C ASN A 446 -4.16 -17.30 24.42
N ILE A 447 -4.47 -17.79 23.22
CA ILE A 447 -5.55 -17.25 22.41
C ILE A 447 -6.73 -18.17 22.53
N THR A 448 -7.89 -17.64 22.93
CA THR A 448 -9.12 -18.41 22.93
C THR A 448 -9.95 -18.00 21.72
N ILE A 449 -10.23 -18.95 20.83
CA ILE A 449 -10.88 -18.66 19.56
C ILE A 449 -12.37 -18.92 19.69
N HIS A 450 -13.17 -17.88 19.52
CA HIS A 450 -14.62 -17.98 19.56
C HIS A 450 -15.23 -18.40 18.23
N GLU A 451 -14.61 -18.00 17.12
CA GLU A 451 -15.14 -18.29 15.80
C GLU A 451 -13.97 -18.46 14.84
N TYR A 452 -14.07 -19.44 13.94
CA TYR A 452 -13.11 -19.51 12.85
C TYR A 452 -13.81 -19.91 11.56
N LYS A 453 -14.44 -21.09 11.57
CA LYS A 453 -15.15 -21.57 10.38
C LYS A 453 -16.19 -20.57 9.89
N GLN A 454 -16.82 -19.84 10.82
CA GLN A 454 -17.86 -18.89 10.44
C GLN A 454 -17.34 -17.71 9.62
N ASN A 455 -16.03 -17.53 9.53
CA ASN A 455 -15.46 -16.46 8.71
C ASN A 455 -15.06 -16.95 7.32
N TYR A 456 -15.63 -18.09 6.89
CA TYR A 456 -15.29 -18.65 5.59
C TYR A 456 -15.68 -17.72 4.44
N THR A 457 -16.60 -16.77 4.65
CA THR A 457 -16.93 -15.79 3.61
C THR A 457 -16.06 -14.54 3.66
N ARG A 458 -15.17 -14.43 4.65
CA ARG A 458 -14.28 -13.29 4.81
C ARG A 458 -12.93 -13.82 5.28
N ARG A 459 -12.27 -14.61 4.44
CA ARG A 459 -11.14 -15.39 4.92
C ARG A 459 -9.93 -14.54 5.30
N TYR A 460 -9.96 -13.22 5.04
CA TYR A 460 -8.90 -12.35 5.56
C TYR A 460 -8.97 -12.28 7.09
N LEU A 461 -10.14 -12.46 7.67
CA LEU A 461 -10.23 -12.58 9.11
C LEU A 461 -9.68 -13.91 9.60
N GLN A 462 -9.75 -14.96 8.78
CA GLN A 462 -9.08 -16.22 9.13
C GLN A 462 -7.57 -16.06 9.09
N GLN A 463 -7.03 -15.38 8.07
CA GLN A 463 -5.58 -15.11 8.04
C GLN A 463 -5.17 -14.30 9.25
N TYR A 464 -5.93 -13.25 9.57
CA TYR A 464 -5.66 -12.48 10.78
C TYR A 464 -5.62 -13.41 12.00
N THR A 465 -6.53 -14.38 12.07
CA THR A 465 -6.55 -15.28 13.22
C THR A 465 -5.31 -16.16 13.24
N HIS A 466 -4.88 -16.65 12.07
CA HIS A 466 -3.63 -17.40 12.05
C HIS A 466 -2.45 -16.55 12.50
N ASP A 467 -2.45 -15.26 12.15
CA ASP A 467 -1.35 -14.41 12.60
C ASP A 467 -1.22 -14.44 14.12
N LEU A 468 -2.36 -14.40 14.82
CA LEU A 468 -2.33 -14.42 16.27
C LEU A 468 -2.04 -15.81 16.80
N MET A 469 -2.64 -16.84 16.20
CA MET A 469 -2.39 -18.18 16.71
C MET A 469 -0.94 -18.58 16.49
N ARG A 470 -0.30 -18.06 15.44
CA ARG A 470 1.11 -18.39 15.19
C ARG A 470 2.02 -17.75 16.23
N GLN A 471 1.75 -16.50 16.61
CA GLN A 471 2.60 -15.80 17.56
C GLN A 471 2.33 -16.21 19.01
N ALA A 472 1.14 -16.72 19.30
CA ALA A 472 0.74 -17.05 20.67
C ALA A 472 1.52 -18.25 21.21
N ASN A 473 1.56 -18.32 22.55
CA ASN A 473 2.09 -19.51 23.22
C ASN A 473 1.17 -20.70 23.07
N SER A 474 -0.14 -20.49 23.12
CA SER A 474 -1.09 -21.59 23.03
C SER A 474 -2.44 -21.07 22.56
N VAL A 475 -3.26 -21.99 22.07
CA VAL A 475 -4.53 -21.67 21.43
C VAL A 475 -5.58 -22.66 21.93
N GLN A 476 -6.75 -22.14 22.27
CA GLN A 476 -7.89 -22.98 22.64
C GLN A 476 -9.06 -22.66 21.73
N PHE A 477 -9.81 -23.69 21.36
CA PHE A 477 -11.04 -23.56 20.60
C PHE A 477 -12.20 -24.12 21.42
N PHE A 478 -13.39 -23.57 21.17
CA PHE A 478 -14.60 -24.12 21.78
C PHE A 478 -15.25 -25.19 20.91
N ASN A 479 -14.86 -25.29 19.65
CA ASN A 479 -15.59 -26.04 18.65
C ASN A 479 -14.60 -26.85 17.81
N ALA A 480 -14.88 -28.15 17.65
CA ALA A 480 -13.90 -29.00 16.99
C ALA A 480 -13.78 -28.68 15.51
N GLU A 481 -14.85 -28.17 14.90
CA GLU A 481 -14.75 -27.91 13.48
C GLU A 481 -13.90 -26.67 13.23
N ASP A 482 -14.01 -25.66 14.10
CA ASP A 482 -13.08 -24.54 14.06
C ASP A 482 -11.64 -25.03 14.12
N ARG A 483 -11.35 -25.89 15.10
CA ARG A 483 -9.98 -26.30 15.33
C ARG A 483 -9.42 -27.10 14.15
N GLU A 484 -10.20 -28.06 13.64
CA GLU A 484 -9.66 -28.90 12.58
C GLU A 484 -9.51 -28.14 11.27
N ASN A 485 -10.40 -27.19 10.97
CA ASN A 485 -10.26 -26.41 9.74
C ASN A 485 -9.07 -25.47 9.81
N ALA A 486 -8.92 -24.78 10.95
CA ALA A 486 -7.72 -23.98 11.19
C ALA A 486 -6.46 -24.84 11.08
N ILE A 487 -6.47 -26.03 11.69
CA ILE A 487 -5.28 -26.88 11.62
C ILE A 487 -4.98 -27.22 10.16
N ILE A 488 -6.01 -27.55 9.39
CA ILE A 488 -5.81 -27.87 7.97
C ILE A 488 -5.23 -26.67 7.21
N ALA A 489 -5.76 -25.48 7.45
CA ALA A 489 -5.23 -24.29 6.80
C ALA A 489 -3.79 -24.04 7.21
N ALA A 490 -3.46 -24.28 8.47
CA ALA A 490 -2.07 -24.07 8.90
C ALA A 490 -1.14 -25.17 8.39
N THR A 491 -1.69 -26.27 7.89
CA THR A 491 -0.91 -27.37 7.37
C THR A 491 -0.72 -27.31 5.86
N TYR A 492 -1.75 -26.91 5.11
CA TYR A 492 -1.67 -26.81 3.65
C TYR A 492 -1.37 -25.41 3.13
N GLY A 493 -1.40 -24.39 3.98
CA GLY A 493 -0.91 -23.07 3.61
C GLY A 493 -1.92 -22.10 3.03
N ASP A 494 -3.20 -22.43 3.01
CA ASP A 494 -4.20 -21.48 2.52
C ASP A 494 -5.51 -21.70 3.28
N CYS A 495 -6.25 -20.62 3.54
CA CYS A 495 -7.51 -20.72 4.28
C CYS A 495 -8.63 -21.36 3.48
N ASP A 496 -8.49 -21.48 2.17
CA ASP A 496 -9.48 -22.07 1.29
C ASP A 496 -8.92 -23.39 0.78
N LYS A 497 -9.55 -24.50 1.16
CA LYS A 497 -9.03 -25.82 0.78
C LYS A 497 -8.94 -25.97 -0.72
N ARG A 498 -9.83 -25.30 -1.47
CA ARG A 498 -9.78 -25.31 -2.93
C ARG A 498 -8.46 -24.78 -3.49
N ASN A 499 -7.67 -24.08 -2.69
CA ASN A 499 -6.37 -23.59 -3.14
C ASN A 499 -5.21 -24.50 -2.78
N THR A 500 -5.48 -25.68 -2.23
CA THR A 500 -4.44 -26.53 -1.64
C THR A 500 -4.29 -27.82 -2.46
N THR A 501 -3.27 -28.58 -2.09
CA THR A 501 -2.98 -29.89 -2.68
C THR A 501 -3.90 -30.98 -2.16
N GLU A 502 -4.78 -30.65 -1.23
CA GLU A 502 -5.60 -31.64 -0.57
C GLU A 502 -6.64 -32.15 -1.56
N PRO A 503 -6.70 -33.47 -1.84
CA PRO A 503 -7.58 -33.97 -2.90
C PRO A 503 -9.05 -33.54 -2.79
N THR A 504 -9.66 -33.60 -1.61
CA THR A 504 -11.04 -33.13 -1.53
C THR A 504 -11.13 -31.64 -1.79
N GLY A 505 -10.07 -30.90 -1.47
CA GLY A 505 -10.04 -29.49 -1.84
C GLY A 505 -10.03 -29.30 -3.35
N VAL A 506 -9.14 -30.02 -4.05
CA VAL A 506 -9.07 -29.90 -5.51
C VAL A 506 -10.40 -30.30 -6.13
N ALA A 507 -10.96 -31.43 -5.66
CA ALA A 507 -12.26 -31.86 -6.15
C ALA A 507 -13.34 -30.81 -5.89
N LYS A 508 -13.26 -30.09 -4.77
CA LYS A 508 -14.25 -29.06 -4.51
C LYS A 508 -14.07 -27.87 -5.46
N LYS A 509 -12.82 -27.45 -5.70
CA LYS A 509 -12.56 -26.47 -6.73
C LYS A 509 -13.19 -26.88 -8.05
N ILE A 510 -12.79 -28.04 -8.56
CA ILE A 510 -13.28 -28.51 -9.86
C ILE A 510 -14.80 -28.48 -9.90
N ARG A 511 -15.44 -28.93 -8.82
CA ARG A 511 -16.89 -28.96 -8.78
C ARG A 511 -17.50 -27.56 -8.80
N GLU A 512 -16.83 -26.56 -8.22
CA GLU A 512 -17.45 -25.25 -8.02
C GLU A 512 -16.99 -24.16 -8.99
N VAL A 513 -15.78 -24.24 -9.55
CA VAL A 513 -15.28 -23.14 -10.37
C VAL A 513 -14.39 -23.67 -11.49
N GLY A 514 -14.11 -24.96 -11.49
CA GLY A 514 -13.24 -25.53 -12.51
C GLY A 514 -11.78 -25.51 -12.11
N GLU A 515 -11.07 -26.59 -12.46
CA GLU A 515 -9.71 -26.77 -11.99
C GLU A 515 -8.83 -25.56 -12.25
N ASP A 516 -9.06 -24.86 -13.36
CA ASP A 516 -8.16 -23.81 -13.80
C ASP A 516 -8.54 -22.43 -13.30
N PHE A 517 -9.80 -22.22 -12.85
CA PHE A 517 -10.21 -20.91 -12.40
C PHE A 517 -9.22 -20.34 -11.40
N ASP A 518 -9.07 -19.02 -11.41
CA ASP A 518 -8.07 -18.34 -10.59
C ASP A 518 -8.76 -17.78 -9.35
N LEU A 519 -8.93 -18.65 -8.35
CA LEU A 519 -9.54 -18.26 -7.08
C LEU A 519 -8.67 -17.26 -6.32
N ASP A 520 -9.33 -16.36 -5.59
CA ASP A 520 -8.59 -15.51 -4.66
C ASP A 520 -7.82 -16.38 -3.68
N LYS A 521 -6.59 -15.97 -3.38
CA LYS A 521 -5.70 -16.71 -2.48
C LYS A 521 -5.80 -16.19 -1.06
N TYR A 522 -5.74 -17.10 -0.08
CA TYR A 522 -5.66 -16.71 1.33
C TYR A 522 -4.49 -17.43 1.98
N PRO A 523 -3.27 -17.07 1.58
CA PRO A 523 -2.10 -17.83 2.03
C PRO A 523 -1.88 -17.68 3.54
N VAL A 524 -1.39 -18.77 4.13
CA VAL A 524 -1.05 -18.83 5.55
C VAL A 524 0.32 -19.48 5.63
N GLN A 525 1.29 -18.76 6.19
CA GLN A 525 2.58 -19.39 6.42
C GLN A 525 2.40 -20.57 7.35
N LYS A 526 2.91 -21.74 6.94
CA LYS A 526 2.57 -22.98 7.63
C LYS A 526 3.20 -23.00 9.02
N TYR A 527 2.47 -23.55 9.98
CA TYR A 527 2.98 -23.69 11.34
C TYR A 527 2.19 -24.77 12.07
N ASP A 528 2.76 -25.23 13.17
CA ASP A 528 2.21 -26.35 13.92
C ASP A 528 1.11 -25.83 14.84
N LEU A 529 -0.06 -25.61 14.26
CA LEU A 529 -1.23 -25.25 15.05
C LEU A 529 -1.68 -26.41 15.95
N LYS A 530 -1.61 -27.64 15.44
CA LYS A 530 -2.12 -28.81 16.17
C LYS A 530 -1.39 -29.02 17.49
N GLY A 531 -0.05 -28.87 17.49
CA GLY A 531 0.74 -29.12 18.69
C GLY A 531 0.57 -28.09 19.79
N LYS A 532 0.01 -26.93 19.49
CA LYS A 532 -0.10 -25.86 20.46
C LYS A 532 -1.55 -25.52 20.78
N SER A 533 -2.51 -26.32 20.33
CA SER A 533 -3.92 -26.00 20.55
C SER A 533 -4.67 -27.19 21.15
N GLY A 534 -5.89 -26.91 21.59
CA GLY A 534 -6.77 -27.93 22.14
C GLY A 534 -8.16 -27.36 22.24
N LEU A 535 -9.10 -28.22 22.61
CA LEU A 535 -10.46 -27.79 22.90
C LEU A 535 -10.58 -27.40 24.37
N THR A 536 -11.46 -26.45 24.66
CA THR A 536 -11.84 -26.26 26.05
C THR A 536 -13.35 -26.15 26.14
N VAL A 537 -13.88 -25.85 27.32
CA VAL A 537 -15.30 -25.60 27.47
C VAL A 537 -15.49 -24.21 28.05
N ALA A 538 -16.54 -23.52 27.60
CA ALA A 538 -16.78 -22.17 28.05
C ALA A 538 -16.87 -22.08 29.56
N SER A 539 -17.38 -23.12 30.23
CA SER A 539 -17.51 -23.07 31.69
C SER A 539 -16.16 -22.86 32.36
N GLN A 540 -15.09 -23.46 31.82
CA GLN A 540 -13.75 -23.22 32.35
C GLN A 540 -13.32 -21.75 32.29
N LYS A 541 -13.95 -20.94 31.42
CA LYS A 541 -13.64 -19.51 31.31
C LYS A 541 -14.53 -18.65 32.22
N LEU A 542 -15.40 -19.28 33.02
CA LEU A 542 -16.47 -18.59 33.75
C LEU A 542 -16.57 -19.02 35.23
#